data_5JRJ
#
_entry.id   5JRJ
#
_cell.length_a   87.410
_cell.length_b   87.410
_cell.length_c   91.353
_cell.angle_alpha   90.00
_cell.angle_beta   90.00
_cell.angle_gamma   120.00
#
_symmetry.space_group_name_H-M   'P 61'
#
loop_
_entity.id
_entity.type
_entity.pdbx_description
1 polymer 'Protein RecA'
2 non-polymer "ADENOSINE-5'-DIPHOSPHATE"
3 non-polymer "ADENOSINE-5'-TRIPHOSPHATE"
4 non-polymer 'CALCIUM ION'
5 water water
#
_entity_poly.entity_id   1
_entity_poly.type   'polypeptide(L)'
_entity_poly.pdbx_seq_one_letter_code
;MDDKKAANNSEKSKALAAALAQIEKQFGKGSVMRMEDGVIAEEIQAVSTGSLGLDIALGIGGLPRGRVIEIYGPESSGKT
TLTLQSIAEMQKLGGTCAFIDAEHALDVTYAQKLGVNLNDLLISQPDTGEQALEICDALVRSGAVDLIVVDSVAALTPKA
EIEGDMGDSLPGLQARLMSQALRKLTGSINRTNTTVIFINQIRMKIGVMFGNPETTTGGNALKFYASVRLDIRRTGSIKS
GDEVIGSETKVKVVKNKVAPPFREAHFDILYGEGTSREGEILDLGSEHKVVEKSGAWYSYNGERIGQGKDNARNYLKEHP
ELAREIENKVRVALGVPELAGGEAEAEAKAS
;
_entity_poly.pdbx_strand_id   A
#
loop_
_chem_comp.id
_chem_comp.type
_chem_comp.name
_chem_comp.formula
ADP non-polymer ADENOSINE-5'-DIPHOSPHATE 'C10 H15 N5 O10 P2'
ATP non-polymer ADENOSINE-5'-TRIPHOSPHATE 'C10 H16 N5 O13 P3'
CA non-polymer 'CALCIUM ION' 'Ca 2'
#
# COMPACT_ATOMS: atom_id res chain seq x y z
N ALA A 6 -3.40 25.05 36.21
CA ALA A 6 -2.02 25.18 36.65
C ALA A 6 -1.47 23.82 37.11
N ALA A 7 -1.71 23.49 38.37
CA ALA A 7 -1.46 22.14 38.86
C ALA A 7 -2.62 21.27 38.41
N ASN A 8 -3.75 21.93 38.13
CA ASN A 8 -4.88 21.31 37.48
C ASN A 8 -4.45 20.76 36.12
N ASN A 9 -3.73 21.59 35.36
CA ASN A 9 -3.29 21.17 34.03
C ASN A 9 -2.28 20.06 34.11
N SER A 10 -1.36 20.13 35.08
CA SER A 10 -0.37 19.06 35.25
C SER A 10 -1.06 17.79 35.68
N GLU A 11 -2.03 17.91 36.58
CA GLU A 11 -2.69 16.71 37.04
C GLU A 11 -3.45 16.12 35.87
N LYS A 12 -4.05 16.98 35.05
CA LYS A 12 -4.86 16.45 33.94
C LYS A 12 -3.99 15.78 32.88
N SER A 13 -2.81 16.34 32.60
CA SER A 13 -1.97 15.73 31.57
C SER A 13 -1.37 14.41 32.06
N LYS A 14 -1.06 14.35 33.37
CA LYS A 14 -0.57 13.11 33.99
C LYS A 14 -1.63 12.03 33.83
N ALA A 15 -2.87 12.38 34.14
CA ALA A 15 -3.92 11.36 34.05
C ALA A 15 -4.17 10.87 32.63
N LEU A 16 -4.12 11.77 31.65
CA LEU A 16 -4.31 11.38 30.29
C LEU A 16 -3.21 10.46 29.84
N ALA A 17 -1.98 10.85 30.14
CA ALA A 17 -0.89 9.98 29.71
C ALA A 17 -1.00 8.57 30.29
N ALA A 18 -1.33 8.51 31.58
CA ALA A 18 -1.37 7.20 32.22
C ALA A 18 -2.51 6.36 31.63
N ALA A 19 -3.61 7.02 31.30
CA ALA A 19 -4.71 6.26 30.66
C ALA A 19 -4.37 5.78 29.28
N LEU A 20 -3.74 6.64 28.49
CA LEU A 20 -3.35 6.25 27.17
C LEU A 20 -2.37 5.05 27.23
N ALA A 21 -1.50 5.08 28.23
CA ALA A 21 -0.51 4.01 28.31
C ALA A 21 -1.19 2.71 28.70
N GLN A 22 -2.16 2.82 29.62
CA GLN A 22 -2.87 1.61 30.10
C GLN A 22 -3.75 1.07 28.98
N ILE A 23 -4.41 1.96 28.22
CA ILE A 23 -5.19 1.52 27.08
C ILE A 23 -4.33 0.77 26.06
N GLU A 24 -3.14 1.28 25.80
CA GLU A 24 -2.30 0.58 24.82
C GLU A 24 -1.91 -0.82 25.38
N LYS A 25 -1.58 -0.89 26.66
CA LYS A 25 -1.18 -2.16 27.24
C LYS A 25 -2.33 -3.16 27.18
N GLN A 26 -3.53 -2.68 27.49
CA GLN A 26 -4.67 -3.55 27.65
C GLN A 26 -5.33 -3.95 26.34
N PHE A 27 -5.45 -3.01 25.41
CA PHE A 27 -6.18 -3.26 24.13
C PHE A 27 -5.27 -3.39 22.90
N GLY A 28 -4.00 -3.02 23.06
CA GLY A 28 -3.01 -3.25 22.03
C GLY A 28 -2.55 -1.95 21.38
N LYS A 29 -1.34 -1.93 20.85
CA LYS A 29 -0.87 -0.75 20.17
C LYS A 29 -1.80 -0.37 19.03
N GLY A 30 -2.04 0.93 18.89
CA GLY A 30 -2.89 1.46 17.81
C GLY A 30 -4.34 1.56 18.29
N SER A 31 -4.63 1.15 19.53
CA SER A 31 -6.05 1.17 19.96
C SER A 31 -6.59 2.60 20.15
N VAL A 32 -5.75 3.49 20.67
CA VAL A 32 -6.12 4.94 20.74
C VAL A 32 -4.88 5.71 20.27
N MET A 33 -5.06 6.65 19.34
CA MET A 33 -3.97 7.48 18.84
C MET A 33 -4.43 8.92 18.85
N ARG A 34 -3.51 9.86 18.64
CA ARG A 34 -3.92 11.23 18.28
C ARG A 34 -3.83 11.41 16.78
N MET A 35 -4.74 12.19 16.20
CA MET A 35 -4.89 12.20 14.74
C MET A 35 -3.62 12.59 14.00
N GLU A 36 -2.76 13.44 14.57
CA GLU A 36 -1.53 13.81 13.87
C GLU A 36 -0.28 13.13 14.43
N ASP A 37 -0.48 12.03 15.18
CA ASP A 37 0.67 11.26 15.66
C ASP A 37 1.59 10.79 14.51
N GLY A 38 2.90 10.79 14.75
CA GLY A 38 3.87 10.06 13.92
C GLY A 38 4.09 8.68 14.47
N VAL A 39 5.22 8.06 14.14
CA VAL A 39 5.41 6.68 14.53
C VAL A 39 6.77 6.60 15.19
N ILE A 40 6.94 5.65 16.08
CA ILE A 40 8.29 5.31 16.50
C ILE A 40 9.10 4.51 15.46
N ILE A 44 7.65 -1.75 13.76
CA ILE A 44 7.28 -1.41 12.38
C ILE A 44 8.03 -2.28 11.37
N GLN A 45 7.28 -3.10 10.64
CA GLN A 45 7.78 -3.85 9.49
C GLN A 45 6.73 -3.66 8.38
N ALA A 46 7.12 -3.08 7.23
CA ALA A 46 6.13 -2.64 6.26
C ALA A 46 6.55 -3.08 4.85
N VAL A 47 5.61 -3.15 3.92
CA VAL A 47 6.02 -3.35 2.52
C VAL A 47 5.42 -2.18 1.71
N SER A 48 6.25 -1.55 0.90
CA SER A 48 5.82 -0.38 0.14
C SER A 48 4.67 -0.68 -0.84
N THR A 49 3.79 0.29 -1.01
CA THR A 49 2.71 0.23 -2.00
C THR A 49 3.16 0.62 -3.40
N GLY A 50 4.39 1.13 -3.51
CA GLY A 50 4.86 1.67 -4.77
C GLY A 50 4.48 3.13 -4.96
N SER A 51 3.73 3.68 -4.00
CA SER A 51 3.40 5.11 -4.03
C SER A 51 4.05 5.71 -2.79
N LEU A 52 4.92 6.70 -3.01
CA LEU A 52 5.51 7.41 -1.86
C LEU A 52 4.43 8.15 -1.05
N GLY A 53 3.50 8.82 -1.71
CA GLY A 53 2.44 9.56 -1.02
C GLY A 53 1.56 8.64 -0.17
N LEU A 54 1.28 7.44 -0.68
CA LEU A 54 0.46 6.48 0.06
C LEU A 54 1.25 5.86 1.22
N ASP A 55 2.53 5.52 1.00
CA ASP A 55 3.38 5.03 2.06
C ASP A 55 3.46 6.06 3.21
N ILE A 56 3.50 7.32 2.84
CA ILE A 56 3.48 8.40 3.86
C ILE A 56 2.11 8.49 4.58
N ALA A 57 1.02 8.42 3.82
CA ALA A 57 -0.32 8.47 4.44
C ALA A 57 -0.55 7.31 5.42
N LEU A 58 0.02 6.16 5.11
CA LEU A 58 -0.02 4.96 5.99
C LEU A 58 0.79 5.11 7.30
N GLY A 59 1.64 6.16 7.34
CA GLY A 59 2.34 6.54 8.56
C GLY A 59 3.60 5.69 8.76
N ILE A 60 3.47 4.35 8.66
CA ILE A 60 4.61 3.46 8.88
C ILE A 60 5.42 3.24 7.58
N GLY A 61 5.03 3.87 6.48
CA GLY A 61 5.89 3.83 5.30
C GLY A 61 5.56 2.72 4.31
N GLY A 62 4.40 2.10 4.50
CA GLY A 62 4.02 0.96 3.65
C GLY A 62 2.86 0.23 4.31
N LEU A 63 2.42 -0.90 3.70
CA LEU A 63 1.40 -1.72 4.35
C LEU A 63 2.05 -2.51 5.50
N PRO A 64 1.30 -2.70 6.61
CA PRO A 64 1.92 -3.44 7.73
C PRO A 64 1.95 -4.93 7.44
N ARG A 65 3.09 -5.55 7.74
CA ARG A 65 3.18 -6.98 7.52
C ARG A 65 2.50 -7.79 8.62
N GLY A 66 2.02 -8.99 8.27
CA GLY A 66 1.36 -9.86 9.23
C GLY A 66 -0.06 -9.42 9.50
N ARG A 67 -0.61 -8.61 8.59
CA ARG A 67 -1.96 -8.08 8.76
C ARG A 67 -2.81 -8.29 7.53
N VAL A 68 -4.11 -8.14 7.71
CA VAL A 68 -5.08 -8.09 6.62
C VAL A 68 -5.30 -6.69 6.12
N ILE A 69 -5.29 -6.53 4.80
CA ILE A 69 -5.53 -5.21 4.20
CA ILE A 69 -5.47 -5.22 4.14
C ILE A 69 -6.68 -5.32 3.21
N GLU A 70 -7.52 -4.29 3.15
CA GLU A 70 -8.57 -4.23 2.15
C GLU A 70 -8.30 -3.03 1.26
N ILE A 71 -8.41 -3.21 -0.06
CA ILE A 71 -8.34 -2.08 -1.01
C ILE A 71 -9.61 -2.14 -1.86
N TYR A 72 -10.40 -1.07 -1.81
CA TYR A 72 -11.67 -1.06 -2.53
C TYR A 72 -11.83 0.20 -3.32
N GLY A 73 -12.67 0.15 -4.36
CA GLY A 73 -12.82 1.26 -5.26
C GLY A 73 -13.45 0.76 -6.56
N PRO A 74 -13.90 1.71 -7.39
CA PRO A 74 -14.55 1.38 -8.68
C PRO A 74 -13.57 0.72 -9.66
N GLU A 75 -14.06 0.02 -10.70
CA GLU A 75 -13.09 -0.64 -11.56
CA GLU A 75 -13.21 -0.59 -11.72
C GLU A 75 -12.25 0.42 -12.28
N SER A 76 -11.04 0.01 -12.60
CA SER A 76 -10.00 0.87 -13.15
C SER A 76 -9.60 2.06 -12.29
N SER A 77 -9.75 1.97 -10.95
CA SER A 77 -9.32 3.07 -10.10
C SER A 77 -7.86 2.93 -9.67
N GLY A 78 -7.32 1.73 -9.81
CA GLY A 78 -5.93 1.52 -9.45
C GLY A 78 -5.71 0.41 -8.44
N LYS A 79 -6.75 -0.33 -8.07
CA LYS A 79 -6.58 -1.40 -7.05
C LYS A 79 -5.56 -2.45 -7.48
N THR A 80 -5.73 -3.03 -8.66
CA THR A 80 -4.83 -4.07 -9.10
C THR A 80 -3.40 -3.55 -9.24
N THR A 81 -3.29 -2.32 -9.74
CA THR A 81 -2.00 -1.66 -9.86
C THR A 81 -1.29 -1.61 -8.51
N LEU A 82 -2.00 -1.12 -7.49
CA LEU A 82 -1.40 -1.05 -6.16
C LEU A 82 -0.99 -2.44 -5.67
N THR A 83 -1.81 -3.47 -5.90
CA THR A 83 -1.40 -4.77 -5.38
C THR A 83 -0.21 -5.38 -6.17
N LEU A 84 -0.14 -5.12 -7.46
CA LEU A 84 1.00 -5.64 -8.25
C LEU A 84 2.29 -4.92 -7.86
N GLN A 85 2.17 -3.62 -7.57
CA GLN A 85 3.34 -2.91 -7.08
C GLN A 85 3.77 -3.46 -5.71
N SER A 86 2.80 -3.79 -4.85
CA SER A 86 3.12 -4.34 -3.56
C SER A 86 3.81 -5.68 -3.72
N ILE A 87 3.34 -6.46 -4.69
CA ILE A 87 4.04 -7.72 -4.99
C ILE A 87 5.49 -7.49 -5.42
N ALA A 88 5.67 -6.57 -6.36
CA ALA A 88 7.03 -6.25 -6.83
C ALA A 88 7.91 -5.77 -5.65
N GLU A 89 7.35 -4.94 -4.78
CA GLU A 89 8.13 -4.48 -3.59
C GLU A 89 8.47 -5.61 -2.62
N MET A 90 7.54 -6.53 -2.42
CA MET A 90 7.77 -7.65 -1.54
C MET A 90 8.83 -8.59 -2.15
N GLN A 91 8.79 -8.77 -3.47
CA GLN A 91 9.77 -9.62 -4.15
C GLN A 91 11.15 -8.96 -4.03
N LYS A 92 11.18 -7.63 -4.07
CA LYS A 92 12.45 -6.91 -3.89
C LYS A 92 13.03 -7.15 -2.51
N LEU A 93 12.18 -7.31 -1.51
CA LEU A 93 12.61 -7.63 -0.15
C LEU A 93 13.08 -9.09 0.00
N GLY A 94 12.88 -9.89 -1.05
CA GLY A 94 13.19 -11.32 -1.03
C GLY A 94 11.99 -12.20 -0.67
N GLY A 95 10.79 -11.62 -0.60
CA GLY A 95 9.61 -12.35 -0.15
C GLY A 95 8.92 -13.11 -1.28
N THR A 96 8.20 -14.17 -0.90
CA THR A 96 7.46 -15.00 -1.84
C THR A 96 5.99 -14.54 -1.89
N CYS A 97 5.47 -14.34 -3.10
CA CYS A 97 4.10 -13.79 -3.28
C CYS A 97 3.16 -14.74 -4.03
N ALA A 98 1.86 -14.62 -3.72
CA ALA A 98 0.83 -15.43 -4.38
C ALA A 98 -0.30 -14.51 -4.79
N PHE A 99 -0.96 -14.84 -5.90
CA PHE A 99 -2.10 -14.08 -6.38
C PHE A 99 -3.26 -15.09 -6.51
N ILE A 100 -4.33 -14.85 -5.76
CA ILE A 100 -5.51 -15.73 -5.82
C ILE A 100 -6.56 -14.97 -6.59
N ASP A 101 -6.89 -15.51 -7.75
CA ASP A 101 -7.61 -14.75 -8.79
C ASP A 101 -9.01 -15.28 -9.06
N ALA A 102 -10.03 -14.44 -8.85
CA ALA A 102 -11.39 -14.87 -9.20
C ALA A 102 -11.94 -13.93 -10.30
N GLU A 103 -11.07 -13.07 -10.81
CA GLU A 103 -11.50 -12.06 -11.78
C GLU A 103 -11.00 -12.37 -13.22
N HIS A 104 -9.88 -13.09 -13.37
CA HIS A 104 -9.43 -13.56 -14.69
C HIS A 104 -9.06 -12.40 -15.63
N ALA A 105 -8.48 -11.35 -15.05
CA ALA A 105 -8.21 -10.12 -15.79
C ALA A 105 -6.76 -9.73 -15.78
N LEU A 106 -5.93 -10.50 -15.06
CA LEU A 106 -4.53 -10.12 -14.90
C LEU A 106 -3.80 -10.02 -16.24
N ASP A 107 -3.00 -8.95 -16.39
CA ASP A 107 -2.20 -8.77 -17.57
C ASP A 107 -0.76 -8.88 -17.14
N VAL A 108 -0.07 -9.90 -17.61
CA VAL A 108 1.20 -10.15 -17.00
C VAL A 108 2.33 -9.32 -17.65
N THR A 109 2.12 -8.77 -18.86
CA THR A 109 3.06 -7.78 -19.43
C THR A 109 3.06 -6.53 -18.54
N TYR A 110 1.88 -6.11 -18.12
CA TYR A 110 1.72 -4.97 -17.17
C TYR A 110 2.38 -5.31 -15.83
N ALA A 111 2.12 -6.51 -15.33
CA ALA A 111 2.70 -6.90 -14.05
C ALA A 111 4.21 -6.84 -14.14
N GLN A 112 4.74 -7.34 -15.25
CA GLN A 112 6.18 -7.28 -15.47
C GLN A 112 6.71 -5.84 -15.53
N LYS A 113 5.97 -4.97 -16.22
CA LYS A 113 6.38 -3.55 -16.31
C LYS A 113 6.43 -2.95 -14.90
N LEU A 114 5.56 -3.42 -14.02
CA LEU A 114 5.52 -2.88 -12.67
C LEU A 114 6.56 -3.51 -11.77
N GLY A 115 7.33 -4.44 -12.30
CA GLY A 115 8.45 -5.04 -11.58
C GLY A 115 8.18 -6.40 -10.97
N VAL A 116 7.01 -6.96 -11.27
CA VAL A 116 6.73 -8.33 -10.77
C VAL A 116 7.59 -9.36 -11.51
N ASN A 117 8.22 -10.26 -10.74
CA ASN A 117 8.96 -11.39 -11.27
C ASN A 117 7.99 -12.55 -11.43
N LEU A 118 7.57 -12.80 -12.67
CA LEU A 118 6.52 -13.84 -12.86
C LEU A 118 7.03 -15.23 -12.56
N ASN A 119 8.34 -15.44 -12.72
CA ASN A 119 8.91 -16.75 -12.42
C ASN A 119 8.60 -17.21 -11.00
N ASP A 120 8.60 -16.25 -10.08
CA ASP A 120 8.41 -16.60 -8.67
C ASP A 120 6.98 -16.37 -8.17
N LEU A 121 6.07 -15.93 -9.05
CA LEU A 121 4.72 -15.60 -8.58
C LEU A 121 3.82 -16.85 -8.58
N LEU A 122 3.29 -17.19 -7.41
CA LEU A 122 2.29 -18.25 -7.29
C LEU A 122 0.95 -17.71 -7.78
N ILE A 123 0.20 -18.55 -8.44
CA ILE A 123 -1.09 -18.18 -8.99
C ILE A 123 -2.13 -19.28 -8.68
N SER A 124 -3.35 -18.85 -8.34
CA SER A 124 -4.47 -19.77 -8.10
C SER A 124 -5.74 -19.16 -8.67
N GLN A 125 -6.57 -19.96 -9.36
CA GLN A 125 -7.88 -19.53 -9.87
C GLN A 125 -8.94 -20.45 -9.34
N PRO A 126 -9.37 -20.20 -8.11
CA PRO A 126 -10.21 -21.17 -7.38
C PRO A 126 -11.60 -21.42 -7.92
N ASP A 127 -12.12 -22.61 -7.59
CA ASP A 127 -13.36 -23.21 -8.07
C ASP A 127 -14.60 -22.58 -7.38
N THR A 128 -14.40 -21.98 -6.19
CA THR A 128 -15.40 -21.33 -5.32
C THR A 128 -14.82 -20.34 -4.30
N GLY A 129 -15.68 -19.51 -3.71
CA GLY A 129 -15.23 -18.61 -2.67
C GLY A 129 -14.62 -19.34 -1.47
N GLU A 130 -15.24 -20.46 -1.10
CA GLU A 130 -14.72 -21.26 0.00
CA GLU A 130 -14.74 -21.30 -0.02
C GLU A 130 -13.32 -21.75 -0.36
N GLN A 131 -13.16 -22.24 -1.59
CA GLN A 131 -11.89 -22.81 -1.99
C GLN A 131 -10.83 -21.71 -1.98
N ALA A 132 -11.21 -20.51 -2.40
CA ALA A 132 -10.26 -19.40 -2.37
C ALA A 132 -9.71 -19.13 -0.96
N LEU A 133 -10.61 -19.07 0.01
CA LEU A 133 -10.17 -18.77 1.36
C LEU A 133 -9.41 -19.96 1.98
N GLU A 134 -9.79 -21.19 1.64
CA GLU A 134 -9.03 -22.32 2.14
C GLU A 134 -7.61 -22.43 1.56
N ILE A 135 -7.47 -22.12 0.27
CA ILE A 135 -6.14 -22.09 -0.32
C ILE A 135 -5.34 -20.95 0.29
N CYS A 136 -5.99 -19.81 0.51
CA CYS A 136 -5.31 -18.68 1.13
C CYS A 136 -4.79 -19.10 2.50
N ASP A 137 -5.63 -19.80 3.28
CA ASP A 137 -5.21 -20.24 4.61
C ASP A 137 -4.04 -21.21 4.54
N ALA A 138 -4.12 -22.19 3.62
CA ALA A 138 -3.02 -23.13 3.45
C ALA A 138 -1.71 -22.43 3.10
N LEU A 139 -1.76 -21.42 2.23
CA LEU A 139 -0.53 -20.69 1.91
C LEU A 139 0.00 -19.93 3.14
N VAL A 140 -0.91 -19.32 3.90
CA VAL A 140 -0.48 -18.59 5.11
C VAL A 140 0.18 -19.57 6.09
N ARG A 141 -0.46 -20.73 6.28
CA ARG A 141 0.01 -21.72 7.26
CA ARG A 141 0.03 -21.69 7.26
C ARG A 141 1.36 -22.32 6.90
N SER A 142 1.77 -22.24 5.62
CA SER A 142 3.04 -22.78 5.20
C SER A 142 4.20 -22.16 5.95
N GLY A 143 4.03 -20.91 6.38
CA GLY A 143 5.13 -20.16 6.94
C GLY A 143 6.16 -19.72 5.93
N ALA A 144 5.87 -19.91 4.65
CA ALA A 144 6.82 -19.66 3.57
C ALA A 144 6.27 -18.69 2.51
N VAL A 145 5.13 -18.08 2.78
CA VAL A 145 4.57 -17.12 1.82
C VAL A 145 4.45 -15.79 2.52
N ASP A 146 4.98 -14.74 1.88
CA ASP A 146 5.09 -13.47 2.58
C ASP A 146 3.97 -12.49 2.28
N LEU A 147 3.35 -12.63 1.12
CA LEU A 147 2.30 -11.70 0.70
C LEU A 147 1.34 -12.43 -0.24
N ILE A 148 0.04 -12.32 0.04
CA ILE A 148 -1.01 -12.93 -0.80
C ILE A 148 -1.98 -11.86 -1.20
N VAL A 149 -2.30 -11.79 -2.49
CA VAL A 149 -3.32 -10.88 -3.00
C VAL A 149 -4.53 -11.69 -3.42
N VAL A 150 -5.70 -11.31 -2.93
CA VAL A 150 -6.94 -12.03 -3.25
C VAL A 150 -7.83 -11.09 -4.08
N ASP A 151 -8.07 -11.43 -5.34
CA ASP A 151 -8.84 -10.64 -6.30
C ASP A 151 -10.11 -11.44 -6.77
N SER A 152 -11.30 -11.19 -6.25
CA SER A 152 -11.65 -10.00 -5.56
C SER A 152 -12.83 -10.45 -4.73
N VAL A 153 -13.27 -9.59 -3.81
CA VAL A 153 -14.23 -9.98 -2.79
C VAL A 153 -15.57 -10.49 -3.34
N ALA A 154 -16.17 -9.67 -4.20
CA ALA A 154 -17.50 -9.94 -4.70
C ALA A 154 -17.49 -11.23 -5.51
N ALA A 155 -16.37 -11.48 -6.15
CA ALA A 155 -16.30 -12.56 -7.12
C ALA A 155 -16.25 -13.90 -6.38
N LEU A 156 -16.09 -13.83 -5.05
CA LEU A 156 -15.90 -15.02 -4.22
C LEU A 156 -17.23 -15.76 -3.94
N THR A 157 -17.89 -16.22 -5.01
CA THR A 157 -19.23 -16.84 -4.95
C THR A 157 -19.28 -18.16 -4.16
N PRO A 158 -20.23 -18.29 -3.22
CA PRO A 158 -20.36 -19.56 -2.50
C PRO A 158 -20.68 -20.75 -3.43
N LYS A 159 -20.17 -21.94 -3.10
CA LYS A 159 -20.39 -23.15 -3.90
C LYS A 159 -21.86 -23.39 -4.21
N ALA A 160 -22.70 -23.25 -3.18
CA ALA A 160 -24.13 -23.50 -3.32
C ALA A 160 -24.72 -22.63 -4.42
N GLU A 161 -24.29 -21.36 -4.45
CA GLU A 161 -24.79 -20.38 -5.42
C GLU A 161 -24.31 -20.69 -6.84
N ILE A 162 -23.04 -21.07 -6.98
CA ILE A 162 -22.48 -21.54 -8.24
C ILE A 162 -23.31 -22.72 -8.77
N GLU A 163 -23.81 -23.54 -7.86
CA GLU A 163 -24.66 -24.68 -8.20
C GLU A 163 -26.14 -24.31 -8.23
N ARG A 176 -21.89 -15.11 5.60
CA ARG A 176 -21.03 -15.48 6.72
C ARG A 176 -19.78 -16.24 6.26
N LEU A 177 -19.69 -16.50 4.96
CA LEU A 177 -18.54 -17.20 4.37
C LEU A 177 -17.24 -16.46 4.71
N MET A 178 -17.19 -15.19 4.31
CA MET A 178 -16.08 -14.31 4.66
C MET A 178 -15.79 -14.37 6.16
N SER A 179 -16.85 -14.39 6.97
CA SER A 179 -16.71 -14.16 8.40
C SER A 179 -16.01 -15.29 9.15
N GLN A 180 -16.38 -16.54 8.89
CA GLN A 180 -15.74 -17.63 9.60
C GLN A 180 -14.36 -17.87 9.01
N ALA A 181 -14.26 -17.66 7.71
CA ALA A 181 -12.97 -17.80 7.04
C ALA A 181 -11.99 -16.79 7.60
N LEU A 182 -12.42 -15.54 7.71
CA LEU A 182 -11.52 -14.49 8.22
C LEU A 182 -11.11 -14.75 9.65
N ARG A 183 -11.99 -15.37 10.42
CA ARG A 183 -11.62 -15.77 11.77
C ARG A 183 -10.46 -16.75 11.72
N LYS A 184 -10.59 -17.79 10.89
CA LYS A 184 -9.56 -18.81 10.80
C LYS A 184 -8.28 -18.18 10.21
N LEU A 185 -8.48 -17.36 9.19
CA LEU A 185 -7.38 -16.82 8.42
C LEU A 185 -6.54 -15.85 9.25
N THR A 186 -7.22 -14.97 9.97
CA THR A 186 -6.51 -14.03 10.82
C THR A 186 -5.70 -14.74 11.92
N GLY A 187 -6.23 -15.86 12.43
CA GLY A 187 -5.46 -16.70 13.35
C GLY A 187 -4.14 -17.17 12.77
N SER A 188 -4.17 -17.59 11.51
CA SER A 188 -2.98 -18.08 10.83
C SER A 188 -2.03 -16.92 10.53
N ILE A 189 -2.60 -15.80 10.11
CA ILE A 189 -1.83 -14.64 9.69
C ILE A 189 -1.01 -14.11 10.85
N ASN A 190 -1.60 -14.11 12.04
CA ASN A 190 -0.91 -13.64 13.24
C ASN A 190 0.26 -14.52 13.66
N ARG A 191 0.15 -15.83 13.43
CA ARG A 191 1.25 -16.73 13.74
CA ARG A 191 1.25 -16.74 13.71
C ARG A 191 2.43 -16.63 12.74
N THR A 192 2.17 -16.34 11.49
CA THR A 192 3.20 -16.50 10.45
C THR A 192 3.74 -15.21 9.84
N ASN A 193 3.19 -14.06 10.23
CA ASN A 193 3.59 -12.78 9.66
C ASN A 193 3.32 -12.60 8.14
N THR A 194 2.38 -13.37 7.61
CA THR A 194 1.99 -13.19 6.20
C THR A 194 1.11 -11.95 6.05
N THR A 195 1.32 -11.20 4.98
CA THR A 195 0.47 -10.05 4.68
C THR A 195 -0.59 -10.48 3.64
N VAL A 196 -1.85 -10.14 3.86
CA VAL A 196 -2.89 -10.57 2.91
C VAL A 196 -3.72 -9.38 2.47
N ILE A 197 -3.78 -9.14 1.15
CA ILE A 197 -4.51 -7.99 0.68
C ILE A 197 -5.72 -8.47 -0.09
N PHE A 198 -6.90 -7.99 0.29
CA PHE A 198 -8.10 -8.28 -0.48
C PHE A 198 -8.51 -7.12 -1.36
N ILE A 199 -8.69 -7.38 -2.65
CA ILE A 199 -9.24 -6.37 -3.57
C ILE A 199 -10.78 -6.48 -3.59
N ASN A 200 -11.47 -5.36 -3.36
CA ASN A 200 -12.92 -5.36 -3.32
C ASN A 200 -13.43 -4.32 -4.31
N GLN A 201 -14.27 -4.75 -5.25
CA GLN A 201 -14.92 -3.83 -6.18
C GLN A 201 -16.08 -3.12 -5.51
N ILE A 202 -16.33 -1.87 -5.88
CA ILE A 202 -17.53 -1.17 -5.42
C ILE A 202 -18.12 -0.29 -6.52
N GLY A 219 -16.56 -8.80 2.92
CA GLY A 219 -16.84 -7.42 2.57
C GLY A 219 -17.26 -6.63 3.80
N ASN A 220 -17.93 -7.31 4.73
CA ASN A 220 -18.36 -6.68 5.97
C ASN A 220 -17.56 -7.21 7.16
N ALA A 221 -17.20 -8.49 7.09
CA ALA A 221 -16.36 -9.08 8.14
C ALA A 221 -14.95 -8.52 7.96
N LEU A 222 -14.64 -8.19 6.72
CA LEU A 222 -13.38 -7.58 6.36
C LEU A 222 -13.19 -6.23 7.09
N LYS A 223 -14.29 -5.50 7.24
CA LYS A 223 -14.24 -4.17 7.84
C LYS A 223 -13.61 -4.18 9.24
N PHE A 224 -13.87 -5.21 10.04
CA PHE A 224 -13.24 -5.35 11.37
C PHE A 224 -11.90 -6.06 11.44
N TYR A 225 -11.72 -7.09 10.62
CA TYR A 225 -10.49 -7.80 10.66
C TYR A 225 -9.34 -7.01 9.99
N ALA A 226 -9.66 -6.18 9.00
CA ALA A 226 -8.58 -5.48 8.31
C ALA A 226 -7.89 -4.50 9.23
N SER A 227 -6.56 -4.49 9.20
CA SER A 227 -5.78 -3.47 9.93
C SER A 227 -5.71 -2.18 9.14
N VAL A 228 -5.84 -2.29 7.83
CA VAL A 228 -5.78 -1.12 6.97
C VAL A 228 -6.86 -1.27 5.89
N ARG A 229 -7.59 -0.19 5.61
CA ARG A 229 -8.58 -0.17 4.55
C ARG A 229 -8.31 1.07 3.70
N LEU A 230 -8.16 0.85 2.39
CA LEU A 230 -7.87 1.91 1.41
C LEU A 230 -9.02 2.09 0.46
N ASP A 231 -9.37 3.35 0.24
CA ASP A 231 -10.48 3.73 -0.66
C ASP A 231 -9.81 4.45 -1.80
N ILE A 232 -9.82 3.87 -2.99
CA ILE A 232 -9.06 4.44 -4.11
C ILE A 232 -10.06 4.84 -5.21
N ARG A 233 -9.79 5.98 -5.83
CA ARG A 233 -10.68 6.38 -6.92
C ARG A 233 -9.92 7.24 -7.92
N ARG A 234 -10.40 7.22 -9.17
CA ARG A 234 -9.91 8.11 -10.22
C ARG A 234 -10.45 9.49 -9.99
N THR A 235 -9.65 10.55 -10.07
CA THR A 235 -10.22 11.90 -9.89
C THR A 235 -10.07 12.78 -11.13
N GLY A 236 -9.49 12.25 -12.19
CA GLY A 236 -9.28 13.05 -13.38
C GLY A 236 -8.49 12.31 -14.41
N SER A 237 -8.56 12.80 -15.65
CA SER A 237 -7.82 12.20 -16.73
C SER A 237 -6.49 12.88 -16.86
N ILE A 238 -5.50 12.11 -17.31
CA ILE A 238 -4.25 12.67 -17.76
C ILE A 238 -4.19 12.48 -19.26
N LYS A 239 -3.80 13.52 -19.97
CA LYS A 239 -3.95 13.51 -21.43
C LYS A 239 -2.66 13.89 -22.15
N SER A 240 -2.46 13.26 -23.30
CA SER A 240 -1.48 13.69 -24.30
C SER A 240 -2.29 13.97 -25.55
N GLY A 241 -2.33 15.24 -25.96
CA GLY A 241 -3.32 15.67 -26.93
C GLY A 241 -4.70 15.41 -26.35
N ASP A 242 -5.52 14.67 -27.08
CA ASP A 242 -6.84 14.26 -26.58
C ASP A 242 -6.82 12.76 -26.32
N GLU A 243 -5.62 12.19 -26.34
CA GLU A 243 -5.39 10.82 -25.93
C GLU A 243 -5.17 10.77 -24.42
N VAL A 244 -6.03 10.05 -23.71
CA VAL A 244 -5.86 9.88 -22.27
C VAL A 244 -4.81 8.80 -22.03
N ILE A 245 -3.79 9.14 -21.25
CA ILE A 245 -2.67 8.24 -21.06
C ILE A 245 -2.59 7.81 -19.60
N GLY A 246 -3.57 8.27 -18.81
CA GLY A 246 -3.51 7.99 -17.39
C GLY A 246 -4.56 8.66 -16.56
N SER A 247 -4.43 8.51 -15.25
CA SER A 247 -5.46 9.02 -14.41
C SER A 247 -4.91 9.62 -13.15
N GLU A 248 -5.42 10.77 -12.76
CA GLU A 248 -5.16 11.28 -11.42
CA GLU A 248 -5.10 11.25 -11.42
C GLU A 248 -5.88 10.39 -10.43
N THR A 249 -5.20 10.05 -9.34
CA THR A 249 -5.72 9.04 -8.41
C THR A 249 -5.69 9.58 -6.98
N LYS A 250 -6.73 9.28 -6.22
CA LYS A 250 -6.76 9.65 -4.78
C LYS A 250 -6.97 8.38 -3.97
N VAL A 251 -6.14 8.21 -2.94
CA VAL A 251 -6.32 7.07 -2.05
C VAL A 251 -6.52 7.66 -0.66
N LYS A 252 -7.56 7.22 0.03
CA LYS A 252 -7.79 7.63 1.42
C LYS A 252 -7.64 6.43 2.32
N VAL A 253 -6.88 6.59 3.40
CA VAL A 253 -6.71 5.47 4.34
C VAL A 253 -7.91 5.56 5.30
N VAL A 254 -9.00 4.83 5.06
CA VAL A 254 -10.15 5.03 5.91
C VAL A 254 -10.11 4.26 7.24
N LYS A 255 -9.25 3.24 7.31
CA LYS A 255 -8.99 2.52 8.55
C LYS A 255 -7.50 2.29 8.63
N ASN A 256 -6.93 2.56 9.80
CA ASN A 256 -5.50 2.38 10.01
C ASN A 256 -5.24 2.06 11.48
N LYS A 257 -4.86 0.80 11.74
CA LYS A 257 -4.60 0.34 13.11
C LYS A 257 -3.16 0.40 13.49
N VAL A 258 -2.30 0.85 12.58
CA VAL A 258 -0.87 0.88 12.89
C VAL A 258 -0.32 2.31 12.96
N ALA A 259 -1.15 3.28 12.58
CA ALA A 259 -0.81 4.72 12.63
C ALA A 259 -2.11 5.45 12.36
N PRO A 260 -2.13 6.76 12.54
CA PRO A 260 -3.47 7.37 12.48
C PRO A 260 -4.16 7.29 11.12
N PRO A 261 -5.49 7.12 11.14
CA PRO A 261 -6.29 7.00 9.91
C PRO A 261 -6.62 8.36 9.26
N PHE A 262 -7.19 8.25 8.06
CA PHE A 262 -7.89 9.28 7.31
C PHE A 262 -6.95 10.19 6.52
N ARG A 263 -5.67 9.82 6.44
CA ARG A 263 -4.77 10.56 5.58
C ARG A 263 -4.97 10.14 4.14
N GLU A 264 -4.52 10.99 3.22
CA GLU A 264 -4.83 10.78 1.80
C GLU A 264 -3.57 10.92 0.99
N ALA A 265 -3.57 10.30 -0.17
CA ALA A 265 -2.46 10.50 -1.12
C ALA A 265 -3.03 10.78 -2.48
N HIS A 266 -2.33 11.63 -3.24
CA HIS A 266 -2.76 11.92 -4.60
C HIS A 266 -1.58 11.67 -5.51
N PHE A 267 -1.77 10.88 -6.56
CA PHE A 267 -0.66 10.56 -7.49
C PHE A 267 -1.26 10.19 -8.84
N ASP A 268 -0.41 10.17 -9.85
CA ASP A 268 -0.80 9.76 -11.19
C ASP A 268 -0.60 8.27 -11.37
N ILE A 269 -1.54 7.63 -12.05
CA ILE A 269 -1.30 6.32 -12.60
C ILE A 269 -1.29 6.40 -14.12
N LEU A 270 -0.18 6.00 -14.71
CA LEU A 270 -0.04 6.08 -16.17
C LEU A 270 -0.24 4.70 -16.75
N TYR A 271 -1.02 4.61 -17.82
CA TYR A 271 -1.17 3.37 -18.56
C TYR A 271 0.18 2.75 -18.86
N GLY A 272 0.33 1.47 -18.49
CA GLY A 272 1.57 0.80 -18.74
C GLY A 272 2.71 1.05 -17.77
N GLU A 273 2.54 1.97 -16.80
CA GLU A 273 3.66 2.34 -15.94
C GLU A 273 3.31 2.33 -14.43
N GLY A 274 2.02 2.33 -14.10
CA GLY A 274 1.60 2.30 -12.71
C GLY A 274 1.76 3.69 -12.09
N THR A 275 1.87 3.72 -10.78
CA THR A 275 2.11 4.99 -10.06
C THR A 275 3.33 5.72 -10.57
N SER A 276 3.19 7.02 -10.79
CA SER A 276 4.36 7.83 -11.15
C SER A 276 5.17 8.16 -9.91
N ARG A 277 5.96 7.22 -9.41
CA ARG A 277 6.59 7.41 -8.10
C ARG A 277 7.72 8.42 -8.22
N GLU A 278 8.41 8.44 -9.36
CA GLU A 278 9.45 9.44 -9.56
C GLU A 278 8.86 10.85 -9.54
N GLY A 279 7.66 10.99 -10.10
CA GLY A 279 6.96 12.26 -9.99
C GLY A 279 6.65 12.65 -8.56
N GLU A 280 6.22 11.68 -7.75
CA GLU A 280 6.00 11.94 -6.33
C GLU A 280 7.28 12.39 -5.63
N ILE A 281 8.37 11.73 -5.97
CA ILE A 281 9.64 12.10 -5.32
C ILE A 281 10.02 13.56 -5.65
N LEU A 282 9.88 13.93 -6.91
CA LEU A 282 10.20 15.32 -7.28
C LEU A 282 9.22 16.29 -6.62
N ASP A 283 7.93 15.95 -6.62
CA ASP A 283 6.96 16.88 -6.09
C ASP A 283 7.14 17.08 -4.56
N LEU A 284 7.15 15.99 -3.83
CA LEU A 284 7.27 16.01 -2.37
C LEU A 284 8.68 16.45 -1.99
N GLY A 285 9.66 16.00 -2.78
CA GLY A 285 11.04 16.43 -2.56
C GLY A 285 11.19 17.93 -2.69
N SER A 286 10.53 18.54 -3.68
CA SER A 286 10.69 19.98 -3.84
C SER A 286 9.89 20.66 -2.75
N GLU A 287 8.70 20.11 -2.47
CA GLU A 287 7.83 20.71 -1.45
C GLU A 287 8.51 20.81 -0.10
N HIS A 288 9.28 19.76 0.25
CA HIS A 288 9.94 19.71 1.55
C HIS A 288 11.44 20.08 1.51
N LYS A 289 11.84 20.70 0.38
CA LYS A 289 13.07 21.47 0.26
C LYS A 289 14.29 20.55 0.10
N VAL A 290 14.03 19.27 -0.07
CA VAL A 290 15.12 18.33 -0.37
C VAL A 290 15.67 18.49 -1.80
N VAL A 291 14.74 18.76 -2.70
CA VAL A 291 15.03 18.92 -4.14
C VAL A 291 14.82 20.40 -4.47
N GLU A 292 15.71 20.94 -5.30
CA GLU A 292 15.67 22.33 -5.69
C GLU A 292 15.02 22.47 -7.07
N LYS A 293 14.27 23.53 -7.28
CA LYS A 293 13.84 23.90 -8.64
C LYS A 293 14.63 25.14 -8.99
N SER A 294 15.55 25.00 -9.91
CA SER A 294 16.49 26.02 -10.30
CA SER A 294 16.40 26.12 -10.31
C SER A 294 16.12 26.46 -11.73
N GLY A 295 15.40 27.57 -11.86
CA GLY A 295 14.80 27.93 -13.10
C GLY A 295 14.00 26.76 -13.63
N ALA A 296 14.41 26.30 -14.79
CA ALA A 296 13.63 25.26 -15.42
C ALA A 296 14.05 23.86 -14.93
N TRP A 297 15.11 23.80 -14.13
CA TRP A 297 15.70 22.50 -13.78
C TRP A 297 15.31 22.01 -12.39
N TYR A 298 15.18 20.69 -12.23
CA TYR A 298 15.17 20.11 -10.90
C TYR A 298 16.60 19.70 -10.57
N SER A 299 17.02 19.92 -9.34
CA SER A 299 18.40 19.65 -8.95
C SER A 299 18.43 19.03 -7.55
N TYR A 300 19.42 18.18 -7.26
CA TYR A 300 19.52 17.60 -5.91
C TYR A 300 20.99 17.55 -5.56
N ASN A 301 21.33 17.95 -4.32
CA ASN A 301 22.76 17.97 -3.94
C ASN A 301 23.62 18.80 -4.87
N GLY A 302 23.08 19.86 -5.46
CA GLY A 302 23.88 20.70 -6.34
C GLY A 302 24.05 20.18 -7.74
N GLU A 303 23.44 19.06 -8.06
CA GLU A 303 23.52 18.51 -9.40
C GLU A 303 22.15 18.42 -10.11
N ARG A 304 22.13 18.84 -11.36
CA ARG A 304 20.90 18.76 -12.15
C ARG A 304 20.39 17.35 -12.35
N ILE A 305 19.07 17.22 -12.25
CA ILE A 305 18.37 15.96 -12.46
C ILE A 305 17.73 16.00 -13.85
N GLY A 306 17.09 17.12 -14.19
CA GLY A 306 16.54 17.27 -15.52
C GLY A 306 15.83 18.58 -15.71
N GLN A 307 15.67 18.97 -16.97
CA GLN A 307 14.95 20.20 -17.32
C GLN A 307 13.48 19.88 -17.52
N GLY A 308 12.68 20.33 -16.57
CA GLY A 308 11.26 20.03 -16.58
C GLY A 308 10.98 18.71 -15.94
N LYS A 309 9.72 18.54 -15.51
CA LYS A 309 9.33 17.36 -14.75
C LYS A 309 9.49 16.07 -15.52
N ASP A 310 9.17 16.04 -16.81
CA ASP A 310 9.28 14.76 -17.53
C ASP A 310 10.72 14.31 -17.62
N ASN A 311 11.61 15.24 -17.97
CA ASN A 311 13.02 14.84 -18.06
C ASN A 311 13.57 14.41 -16.71
N ALA A 312 13.18 15.13 -15.64
CA ALA A 312 13.70 14.77 -14.31
C ALA A 312 13.16 13.41 -13.88
N ARG A 313 11.89 13.13 -14.16
CA ARG A 313 11.32 11.83 -13.82
CA ARG A 313 11.33 11.82 -13.82
C ARG A 313 12.09 10.72 -14.54
N ASN A 314 12.35 10.94 -15.83
CA ASN A 314 13.03 9.89 -16.60
C ASN A 314 14.44 9.65 -16.07
N TYR A 315 15.10 10.74 -15.66
CA TYR A 315 16.45 10.56 -15.10
C TYR A 315 16.38 9.73 -13.82
N LEU A 316 15.42 10.03 -12.96
CA LEU A 316 15.29 9.21 -11.73
C LEU A 316 14.95 7.77 -12.07
N LYS A 317 14.17 7.55 -13.14
CA LYS A 317 13.87 6.17 -13.53
C LYS A 317 15.14 5.45 -13.94
N GLU A 318 16.06 6.20 -14.56
CA GLU A 318 17.32 5.62 -15.05
C GLU A 318 18.37 5.52 -13.97
N HIS A 319 18.12 6.16 -12.82
CA HIS A 319 19.08 6.22 -11.74
C HIS A 319 18.38 5.87 -10.41
N PRO A 320 17.93 4.63 -10.29
CA PRO A 320 17.06 4.23 -9.17
C PRO A 320 17.72 4.36 -7.82
N GLU A 321 19.05 4.29 -7.77
CA GLU A 321 19.70 4.43 -6.46
C GLU A 321 19.65 5.88 -5.94
N LEU A 322 19.85 6.82 -6.85
CA LEU A 322 19.57 8.23 -6.56
C LEU A 322 18.12 8.47 -6.20
N ALA A 323 17.18 7.93 -6.98
CA ALA A 323 15.74 8.07 -6.67
C ALA A 323 15.45 7.62 -5.22
N ARG A 324 15.99 6.46 -4.86
CA ARG A 324 15.79 5.94 -3.51
C ARG A 324 16.43 6.83 -2.45
N GLU A 325 17.62 7.37 -2.75
CA GLU A 325 18.27 8.24 -1.80
C GLU A 325 17.40 9.48 -1.50
N ILE A 326 16.89 10.08 -2.57
CA ILE A 326 16.04 11.28 -2.40
C ILE A 326 14.74 10.91 -1.71
N GLU A 327 14.16 9.80 -2.12
CA GLU A 327 12.91 9.33 -1.48
C GLU A 327 13.10 9.17 0.02
N ASN A 328 14.20 8.56 0.40
CA ASN A 328 14.42 8.31 1.83
C ASN A 328 14.64 9.60 2.59
N LYS A 329 15.26 10.62 1.96
CA LYS A 329 15.38 11.87 2.66
C LYS A 329 14.03 12.49 2.92
N VAL A 330 13.14 12.36 1.93
CA VAL A 330 11.78 12.91 2.06
C VAL A 330 11.05 12.16 3.20
N ARG A 331 11.16 10.84 3.20
CA ARG A 331 10.55 10.04 4.28
CA ARG A 331 10.53 10.07 4.27
C ARG A 331 11.04 10.50 5.63
N VAL A 332 12.36 10.63 5.76
CA VAL A 332 12.92 11.08 7.06
C VAL A 332 12.36 12.47 7.45
N ALA A 333 12.27 13.40 6.48
CA ALA A 333 11.77 14.75 6.81
C ALA A 333 10.35 14.72 7.36
N LEU A 334 9.59 13.74 6.89
CA LEU A 334 8.18 13.63 7.28
C LEU A 334 7.97 12.69 8.44
N GLY A 335 9.03 12.08 8.94
CA GLY A 335 8.89 11.26 10.12
C GLY A 335 8.43 9.86 9.78
N VAL A 336 8.66 9.48 8.54
CA VAL A 336 8.22 8.20 8.00
C VAL A 336 9.40 7.24 7.88
N PRO A 337 9.24 5.96 8.28
CA PRO A 337 10.36 5.02 8.16
C PRO A 337 10.92 4.96 6.73
N GLU A 338 12.24 4.77 6.63
CA GLU A 338 12.89 4.64 5.33
C GLU A 338 12.68 3.29 4.68
N LEU A 339 12.87 3.26 3.37
CA LEU A 339 13.06 1.99 2.63
C LEU A 339 14.56 1.56 2.52
N ALA A 340 14.79 0.33 2.06
CA ALA A 340 16.16 -0.10 1.77
C ALA A 340 16.76 0.75 0.64
N GLY A 341 17.97 1.25 0.88
CA GLY A 341 18.76 1.91 -0.15
C GLY A 341 19.56 0.87 -0.90
N GLY A 342 20.86 1.12 -1.05
CA GLY A 342 21.77 0.17 -1.68
C GLY A 342 21.53 -0.03 -3.16
PB ADP B . -8.75 -1.48 -10.79
O1B ADP B . -9.90 -1.96 -11.65
O2B ADP B . -9.15 -0.51 -9.72
O3B ADP B . -7.93 -2.61 -10.25
PA ADP B . -6.40 -1.02 -12.44
O1A ADP B . -6.60 -2.30 -13.20
O2A ADP B . -5.18 -0.85 -11.57
O3A ADP B . -7.75 -0.58 -11.69
O5' ADP B . -6.24 0.15 -13.52
C5' ADP B . -5.59 1.36 -13.12
C4' ADP B . -4.77 1.99 -14.25
O4' ADP B . -3.55 1.25 -14.40
C3' ADP B . -5.44 1.96 -15.62
O3' ADP B . -6.34 3.06 -15.83
C2' ADP B . -4.22 1.98 -16.53
O2' ADP B . -3.72 3.31 -16.65
C1' ADP B . -3.20 1.15 -15.79
N9 ADP B . -3.41 -0.25 -16.24
C8 ADP B . -4.25 -1.16 -15.71
N7 ADP B . -4.21 -2.33 -16.40
C5 ADP B . -3.31 -2.14 -17.41
C6 ADP B . -2.78 -2.95 -18.52
N6 ADP B . -3.17 -4.24 -18.72
N1 ADP B . -1.85 -2.37 -19.32
C2 ADP B . -1.43 -1.12 -19.15
N3 ADP B . -1.87 -0.32 -18.16
C4 ADP B . -2.80 -0.78 -17.29
PG ATP C . -10.70 -3.63 -12.45
O1G ATP C . -11.02 -3.22 -13.87
O2G ATP C . -10.30 -5.07 -12.40
O3G ATP C . -11.67 -3.21 -11.38
PB ATP C . -8.65 -2.23 -10.75
O1B ATP C . -9.42 -1.40 -9.76
O2B ATP C . -7.95 -3.45 -10.22
O3B ATP C . -9.45 -2.66 -12.11
PA ATP C . -6.30 -1.52 -12.30
O1A ATP C . -6.52 -2.90 -12.89
O2A ATP C . -5.10 -1.30 -11.42
O3A ATP C . -7.61 -1.18 -11.44
O5' ATP C . -6.24 -0.44 -13.49
C5' ATP C . -6.29 0.98 -13.26
C4' ATP C . -5.44 1.73 -14.29
O4' ATP C . -4.14 1.14 -14.39
C3' ATP C . -6.02 1.67 -15.71
O3' ATP C . -6.94 2.74 -15.95
C2' ATP C . -4.80 1.78 -16.58
O2' ATP C . -4.45 3.15 -16.76
C1' ATP C . -3.72 1.08 -15.76
N9 ATP C . -3.75 -0.32 -16.25
C8 ATP C . -4.53 -1.32 -15.77
N7 ATP C . -4.33 -2.47 -16.45
C5 ATP C . -3.40 -2.21 -17.40
C6 ATP C . -2.72 -2.97 -18.47
N6 ATP C . -3.00 -4.28 -18.68
N1 ATP C . -1.81 -2.32 -19.23
C2 ATP C . -1.53 -1.02 -19.05
N3 ATP C . -2.10 -0.26 -18.10
C4 ATP C . -3.02 -0.79 -17.26
CA CA D . 12.55 -18.86 -9.41
#